data_4LN0
#
_entry.id   4LN0
#
_cell.length_a   94.817
_cell.length_b   94.817
_cell.length_c   135.172
_cell.angle_alpha   90.00
_cell.angle_beta   90.00
_cell.angle_gamma   120.00
#
_symmetry.space_group_name_H-M   'P 32 2 1'
#
loop_
_entity.id
_entity.type
_entity.pdbx_description
1 polymer 'Transcriptional enhancer factor TEF-3'
2 polymer 'Transcription cofactor vestigial-like protein 4'
3 non-polymer DI(HYDROXYETHYL)ETHER
4 non-polymer GLYCEROL
5 water water
#
loop_
_entity_poly.entity_id
_entity_poly.type
_entity_poly.pdbx_seq_one_letter_code
_entity_poly.pdbx_strand_id
1 'polypeptide(L)'
;STMGRSIASSKLWMLEFSAFLERQQDPDTYNKHLFVHISQSSPSYSDPYLETVDIRQIYDKFPEKKGGLKELFERGPSNA
FFLVKFWADLNTNIDDEGSAFYGVSSQYESPENMIITCSTKVCSFGKQVVEKVETEYARYENGHYLYRIHRSPLCEYMIN
FIHKLKHLPEKYMMNSVLENFTILQVVTNRDTQETLLCIAYVFEVSASEHGAQHHIYRLVKE
;
A,B
2 'polypeptide(L)' STMGDPVVEEHFRRSLGKNYKEPEPAPNSVSITGSVDDHFAKALGDTWLQIKAAKDSA C
#
# COMPACT_ATOMS: atom_id res chain seq x y z
N SER A 1 12.77 29.49 18.64
CA SER A 1 12.57 28.78 17.38
C SER A 1 11.10 28.85 16.95
N THR A 2 10.84 28.58 15.68
CA THR A 2 9.48 28.35 15.21
C THR A 2 9.08 26.91 15.52
N MET A 3 10.08 26.06 15.72
CA MET A 3 9.86 24.64 15.93
C MET A 3 9.18 24.37 17.25
N GLY A 4 8.19 23.49 17.21
CA GLY A 4 7.51 23.04 18.41
C GLY A 4 6.14 23.66 18.64
N ARG A 5 5.65 24.37 17.62
CA ARG A 5 4.38 25.09 17.70
C ARG A 5 3.34 24.55 16.72
N SER A 6 3.70 23.49 16.01
CA SER A 6 2.84 22.90 15.00
C SER A 6 3.40 21.55 14.59
N ILE A 7 2.66 20.79 13.79
CA ILE A 7 3.20 19.49 13.41
C ILE A 7 4.14 19.73 12.24
N ALA A 8 5.38 20.00 12.58
CA ALA A 8 6.34 20.41 11.59
C ALA A 8 7.72 20.06 12.10
N SER A 9 8.53 19.45 11.24
CA SER A 9 9.92 19.28 11.58
C SER A 9 10.73 20.29 10.79
N SER A 10 12.04 20.12 10.77
CA SER A 10 12.90 21.01 10.02
C SER A 10 12.64 20.89 8.52
N LYS A 11 12.27 19.70 8.08
CA LYS A 11 12.18 19.44 6.66
C LYS A 11 10.76 19.26 6.12
N LEU A 12 9.78 19.06 7.00
CA LEU A 12 8.42 18.77 6.53
C LEU A 12 7.34 19.26 7.47
N TRP A 13 6.26 19.78 6.90
CA TRP A 13 5.18 20.33 7.70
C TRP A 13 3.82 19.75 7.29
N MET A 14 2.97 19.42 8.26
CA MET A 14 1.64 18.95 7.88
C MET A 14 0.74 20.15 7.80
N LEU A 15 0.07 20.29 6.66
CA LEU A 15 -0.80 21.42 6.42
C LEU A 15 -2.26 21.01 6.63
N GLU A 16 -2.60 19.82 6.16
CA GLU A 16 -3.99 19.37 6.17
C GLU A 16 -4.07 17.85 6.32
N PHE A 17 -5.08 17.37 7.05
CA PHE A 17 -5.36 15.93 7.16
C PHE A 17 -6.84 15.68 7.43
N SER A 18 -7.42 14.68 6.77
CA SER A 18 -8.83 14.32 7.01
C SER A 18 -9.21 12.93 6.56
N ALA A 19 -10.08 12.29 7.34
CA ALA A 19 -10.74 11.05 6.94
C ALA A 19 -12.21 11.38 6.78
N PHE A 20 -12.83 10.86 5.74
CA PHE A 20 -14.15 11.32 5.36
C PHE A 20 -14.95 10.21 4.73
N LEU A 21 -16.24 10.47 4.59
CA LEU A 21 -17.17 9.58 3.94
C LEU A 21 -17.92 10.42 2.93
N GLU A 22 -17.95 10.00 1.67
CA GLU A 22 -18.64 10.72 0.61
C GLU A 22 -19.76 9.91 -0.03
N ARG A 23 -20.84 10.59 -0.42
CA ARG A 23 -21.91 9.97 -1.22
C ARG A 23 -22.59 11.02 -2.08
N TYR A 30 -24.66 14.98 -3.55
CA TYR A 30 -23.34 14.85 -2.96
C TYR A 30 -23.31 15.12 -1.44
N ASN A 31 -22.94 14.10 -0.67
CA ASN A 31 -22.76 14.26 0.77
C ASN A 31 -21.33 13.96 1.24
N LYS A 32 -20.83 14.74 2.20
CA LYS A 32 -19.57 14.43 2.86
C LYS A 32 -19.70 14.45 4.38
N HIS A 33 -18.98 13.56 5.06
CA HIS A 33 -18.91 13.58 6.51
C HIS A 33 -17.45 13.53 6.94
N LEU A 34 -16.99 14.47 7.76
CA LEU A 34 -15.64 14.39 8.31
C LEU A 34 -15.63 13.62 9.59
N PHE A 35 -14.81 12.59 9.65
CA PHE A 35 -14.63 11.89 10.90
C PHE A 35 -13.64 12.63 11.76
N VAL A 36 -12.66 13.24 11.10
CA VAL A 36 -11.45 13.70 11.75
C VAL A 36 -10.74 14.69 10.81
N HIS A 37 -10.39 15.87 11.31
N HIS A 37 -10.36 15.84 11.34
CA HIS A 37 -9.73 16.87 10.46
CA HIS A 37 -9.79 16.93 10.54
C HIS A 37 -8.68 17.69 11.22
C HIS A 37 -8.65 17.67 11.26
N ILE A 38 -7.58 17.99 10.55
CA ILE A 38 -6.52 18.84 11.10
C ILE A 38 -5.98 19.77 10.03
N SER A 39 -5.80 21.04 10.37
CA SER A 39 -5.11 21.94 9.47
C SER A 39 -4.13 22.84 10.23
N GLN A 40 -2.94 22.98 9.67
CA GLN A 40 -1.86 23.77 10.24
C GLN A 40 -1.34 24.76 9.24
N SER A 41 -0.55 25.71 9.73
CA SER A 41 0.22 26.59 8.85
C SER A 41 1.69 26.23 8.85
N SER A 42 2.43 26.80 7.90
CA SER A 42 3.90 26.76 7.90
C SER A 42 4.41 27.24 9.26
N PRO A 43 5.57 26.71 9.70
CA PRO A 43 6.18 27.21 10.94
C PRO A 43 6.30 28.75 10.97
N SER A 44 6.01 29.32 12.13
CA SER A 44 6.00 30.76 12.32
C SER A 44 6.01 31.05 13.81
N TYR A 45 5.86 32.31 14.17
CA TYR A 45 5.89 32.71 15.58
C TYR A 45 4.51 33.14 16.08
N SER A 46 3.46 32.54 15.52
CA SER A 46 2.12 32.99 15.80
C SER A 46 1.43 32.14 16.84
N ASP A 47 1.89 30.90 17.00
CA ASP A 47 1.26 30.00 17.95
C ASP A 47 2.25 29.63 19.04
N PRO A 48 1.74 29.38 20.26
CA PRO A 48 2.63 29.04 21.36
C PRO A 48 3.19 27.62 21.20
N TYR A 49 4.24 27.30 21.95
CA TYR A 49 4.77 25.95 21.96
C TYR A 49 3.67 24.95 22.27
N LEU A 50 3.73 23.81 21.60
CA LEU A 50 2.85 22.69 21.91
C LEU A 50 3.19 22.13 23.28
N GLU A 51 2.18 21.56 23.96
CA GLU A 51 2.41 20.86 25.21
C GLU A 51 3.14 19.56 24.92
N THR A 52 3.77 18.98 25.93
CA THR A 52 4.56 17.78 25.68
C THR A 52 3.95 16.54 26.30
N VAL A 53 4.39 15.38 25.80
CA VAL A 53 3.94 14.09 26.28
C VAL A 53 5.13 13.16 26.30
N ASP A 54 5.33 12.45 27.40
CA ASP A 54 6.45 11.56 27.51
C ASP A 54 6.23 10.33 26.66
N ILE A 55 7.10 10.13 25.68
CA ILE A 55 6.89 9.09 24.69
C ILE A 55 6.94 7.71 25.31
N ARG A 56 7.56 7.57 26.46
CA ARG A 56 7.61 6.27 27.13
C ARG A 56 6.24 5.84 27.64
N GLN A 57 5.30 6.77 27.74
CA GLN A 57 3.94 6.44 28.15
C GLN A 57 3.18 5.79 26.99
N ILE A 58 3.80 5.78 25.81
CA ILE A 58 3.06 5.43 24.60
C ILE A 58 3.67 4.28 23.77
N TYR A 59 4.90 3.88 24.10
CA TYR A 59 5.54 2.76 23.43
C TYR A 59 4.67 1.52 23.37
N ASP A 60 4.00 1.26 24.47
CA ASP A 60 3.18 0.05 24.65
C ASP A 60 1.95 0.01 23.74
N LYS A 61 1.61 1.16 23.15
CA LYS A 61 0.43 1.27 22.29
C LYS A 61 0.76 1.11 20.79
N PHE A 62 2.02 0.83 20.46
CA PHE A 62 2.44 0.69 19.05
C PHE A 62 3.41 -0.47 18.90
N PRO A 63 3.54 -1.03 17.69
CA PRO A 63 4.42 -2.19 17.52
C PRO A 63 5.87 -1.87 17.88
N GLU A 64 6.52 -2.68 18.71
CA GLU A 64 7.87 -2.33 19.10
C GLU A 64 8.83 -3.25 18.34
N LYS A 65 9.72 -3.91 19.06
CA LYS A 65 10.73 -4.75 18.42
C LYS A 65 11.53 -3.89 17.44
N LYS A 66 11.76 -4.42 16.23
CA LYS A 66 12.60 -3.73 15.25
C LYS A 66 11.98 -2.47 14.67
N GLY A 67 11.06 -2.60 13.72
CA GLY A 67 10.48 -1.41 13.09
C GLY A 67 9.81 -0.40 14.01
N GLY A 68 9.85 -0.68 15.32
CA GLY A 68 9.11 0.03 16.34
C GLY A 68 9.40 1.48 16.68
N LEU A 69 8.42 2.10 17.34
CA LEU A 69 8.44 3.51 17.69
C LEU A 69 9.63 3.96 18.54
N LYS A 70 10.08 3.11 19.46
CA LYS A 70 11.18 3.50 20.34
C LYS A 70 12.45 3.71 19.56
N GLU A 71 12.77 2.72 18.72
CA GLU A 71 13.93 2.80 17.86
C GLU A 71 13.80 3.95 16.86
N LEU A 72 12.58 4.16 16.38
CA LEU A 72 12.32 5.24 15.44
C LEU A 72 12.64 6.57 16.11
N PHE A 73 12.17 6.72 17.34
CA PHE A 73 12.41 7.93 18.12
C PHE A 73 13.89 8.11 18.42
N GLU A 74 14.53 7.03 18.84
CA GLU A 74 15.94 7.07 19.21
C GLU A 74 16.85 7.47 18.03
N ARG A 75 16.48 7.15 16.79
CA ARG A 75 17.30 7.51 15.63
C ARG A 75 17.04 8.89 15.02
N GLY A 76 15.90 9.06 14.34
CA GLY A 76 15.58 10.28 13.60
C GLY A 76 15.45 11.42 14.58
N PRO A 77 15.46 12.66 14.09
CA PRO A 77 15.35 13.81 15.00
C PRO A 77 14.07 13.80 15.83
N SER A 78 14.26 14.05 17.13
CA SER A 78 13.16 14.02 18.09
C SER A 78 12.22 15.24 17.95
N ASN A 79 12.55 16.19 17.09
CA ASN A 79 11.65 17.29 16.88
C ASN A 79 10.72 16.94 15.72
N ALA A 80 10.79 15.71 15.29
CA ALA A 80 9.95 15.27 14.18
C ALA A 80 8.76 14.43 14.69
N PHE A 81 8.68 14.28 16.01
CA PHE A 81 7.75 13.34 16.62
C PHE A 81 6.57 13.98 17.35
N PHE A 82 5.35 13.60 16.99
CA PHE A 82 4.16 14.26 17.52
C PHE A 82 3.08 13.28 17.93
N LEU A 83 2.25 13.69 18.87
CA LEU A 83 1.08 12.87 19.24
C LEU A 83 -0.18 13.68 18.99
N VAL A 84 -1.09 13.14 18.20
CA VAL A 84 -2.38 13.77 18.04
C VAL A 84 -3.50 12.98 18.73
N LYS A 85 -4.23 13.64 19.59
CA LYS A 85 -5.41 13.04 20.21
C LYS A 85 -6.61 13.43 19.35
N PHE A 86 -7.30 12.46 18.76
CA PHE A 86 -8.52 12.78 18.01
C PHE A 86 -9.78 12.51 18.82
N TRP A 87 -10.79 13.35 18.62
CA TRP A 87 -12.14 13.07 19.08
C TRP A 87 -12.98 12.99 17.84
N ALA A 88 -13.06 11.81 17.26
CA ALA A 88 -13.74 11.62 15.99
C ALA A 88 -15.24 11.94 16.07
N ASP A 89 -15.80 12.35 14.93
CA ASP A 89 -17.23 12.60 14.74
C ASP A 89 -17.84 11.40 14.02
N LEU A 90 -18.50 10.52 14.77
CA LEU A 90 -19.07 9.31 14.18
C LEU A 90 -20.54 9.41 13.83
N ASN A 91 -21.10 10.61 13.90
CA ASN A 91 -22.53 10.84 13.75
C ASN A 91 -23.01 11.20 12.32
N THR A 92 -23.14 10.19 11.46
CA THR A 92 -23.66 10.39 10.10
C THR A 92 -24.50 9.21 9.69
N ASN A 93 -25.50 9.45 8.83
CA ASN A 93 -26.45 8.39 8.48
C ASN A 93 -26.36 7.95 7.03
N ILE A 94 -25.28 8.35 6.36
CA ILE A 94 -25.00 7.86 5.02
C ILE A 94 -24.44 6.41 5.12
N ASP A 95 -24.06 5.85 3.98
CA ASP A 95 -23.67 4.45 3.86
C ASP A 95 -24.85 3.56 4.27
N ASP A 96 -26.03 3.95 3.79
CA ASP A 96 -27.24 3.17 3.99
C ASP A 96 -27.92 2.85 2.67
N SER A 99 -22.29 4.01 -3.81
CA SER A 99 -22.94 4.83 -2.78
C SER A 99 -21.95 5.68 -1.98
N ALA A 100 -21.15 5.02 -1.12
CA ALA A 100 -20.30 5.77 -0.19
C ALA A 100 -18.82 5.45 -0.34
N PHE A 101 -18.02 6.50 -0.53
CA PHE A 101 -16.57 6.37 -0.60
C PHE A 101 -15.96 6.76 0.75
N TYR A 102 -15.14 5.88 1.32
CA TYR A 102 -14.40 6.15 2.53
C TYR A 102 -12.99 6.55 2.14
N GLY A 103 -12.58 7.78 2.42
CA GLY A 103 -11.27 8.22 1.97
C GLY A 103 -10.48 8.93 3.04
N VAL A 104 -9.19 9.08 2.81
CA VAL A 104 -8.35 9.93 3.63
C VAL A 104 -7.55 10.86 2.69
N SER A 105 -7.44 12.13 3.08
CA SER A 105 -6.69 13.14 2.33
C SER A 105 -5.73 13.92 3.20
N SER A 106 -4.47 13.99 2.81
CA SER A 106 -3.54 14.84 3.53
C SER A 106 -2.70 15.70 2.59
N GLN A 107 -2.10 16.75 3.15
CA GLN A 107 -1.26 17.65 2.38
C GLN A 107 -0.10 18.16 3.21
N TYR A 108 1.11 18.15 2.64
CA TYR A 108 2.31 18.58 3.37
C TYR A 108 3.13 19.63 2.62
N GLU A 109 4.02 20.31 3.34
CA GLU A 109 4.93 21.29 2.74
C GLU A 109 6.38 21.06 3.13
N SER A 110 7.25 21.37 2.19
CA SER A 110 8.68 21.30 2.43
C SER A 110 9.37 22.58 1.99
N PRO A 111 10.45 22.95 2.68
CA PRO A 111 11.26 24.04 2.11
C PRO A 111 12.08 23.49 0.96
N GLU A 112 12.48 22.22 1.08
CA GLU A 112 13.24 21.47 0.08
C GLU A 112 12.34 20.73 -0.95
N ASN A 113 12.91 20.41 -2.09
CA ASN A 113 12.28 19.50 -3.03
C ASN A 113 12.73 18.08 -2.76
N MET A 114 11.84 17.23 -2.31
CA MET A 114 12.25 15.85 -2.10
C MET A 114 11.14 14.90 -2.46
N ILE A 115 11.46 13.61 -2.42
CA ILE A 115 10.47 12.54 -2.58
C ILE A 115 10.14 11.91 -1.25
N ILE A 116 8.89 11.97 -0.83
CA ILE A 116 8.56 11.46 0.49
C ILE A 116 7.77 10.15 0.45
N THR A 117 8.05 9.29 1.42
CA THR A 117 7.26 8.08 1.65
C THR A 117 6.36 8.21 2.85
N CYS A 118 5.05 8.07 2.68
CA CYS A 118 4.15 8.07 3.83
C CYS A 118 3.74 6.62 4.16
N SER A 119 4.09 6.18 5.36
CA SER A 119 3.69 4.86 5.86
C SER A 119 2.68 4.93 6.99
N THR A 120 1.51 4.36 6.79
CA THR A 120 0.48 4.40 7.82
C THR A 120 0.17 3.00 8.35
N LYS A 121 0.54 2.77 9.60
CA LYS A 121 0.26 1.50 10.24
C LYS A 121 -0.88 1.63 11.22
N VAL A 122 -1.97 0.92 10.94
CA VAL A 122 -3.11 0.81 11.86
C VAL A 122 -2.79 -0.27 12.88
N CYS A 123 -3.13 -0.05 14.15
CA CYS A 123 -2.73 -0.94 15.21
C CYS A 123 -3.81 -1.32 16.20
N SER A 124 -4.00 -2.62 16.39
CA SER A 124 -4.95 -3.13 17.36
C SER A 124 -4.24 -3.80 18.53
N PHE A 125 -4.44 -3.26 19.73
CA PHE A 125 -3.72 -3.72 20.91
C PHE A 125 -2.22 -3.74 20.64
N GLY A 126 -1.75 -2.68 19.99
CA GLY A 126 -0.32 -2.50 19.78
C GLY A 126 0.31 -3.38 18.71
N LYS A 127 -0.46 -4.28 18.11
CA LYS A 127 0.04 -5.07 16.99
C LYS A 127 -0.54 -4.56 15.69
N GLN A 128 0.29 -4.50 14.67
CA GLN A 128 -0.13 -3.95 13.40
C GLN A 128 -1.21 -4.79 12.73
N VAL A 129 -2.19 -4.14 12.13
CA VAL A 129 -3.25 -4.86 11.50
C VAL A 129 -3.24 -4.63 10.00
N VAL A 130 -3.05 -3.38 9.58
CA VAL A 130 -2.77 -3.05 8.18
C VAL A 130 -1.67 -2.00 8.05
N GLU A 131 -0.99 -2.00 6.91
CA GLU A 131 -0.07 -0.91 6.59
C GLU A 131 -0.34 -0.40 5.19
N LYS A 132 -0.33 0.91 5.04
CA LYS A 132 -0.46 1.56 3.73
C LYS A 132 0.82 2.35 3.43
N VAL A 133 1.48 2.08 2.30
CA VAL A 133 2.67 2.88 1.94
C VAL A 133 2.45 3.69 0.66
N GLU A 134 2.68 4.99 0.75
CA GLU A 134 2.40 5.90 -0.34
C GLU A 134 3.66 6.70 -0.71
N THR A 135 3.88 6.93 -1.99
CA THR A 135 5.02 7.76 -2.39
C THR A 135 4.55 9.02 -3.07
N GLU A 136 4.97 10.17 -2.56
CA GLU A 136 4.48 11.44 -3.09
C GLU A 136 5.66 12.30 -3.55
N TYR A 137 5.53 12.85 -4.75
CA TYR A 137 6.48 13.79 -5.31
C TYR A 137 5.99 15.21 -5.02
N ALA A 138 6.86 16.17 -5.20
CA ALA A 138 6.47 17.53 -4.86
C ALA A 138 5.98 18.27 -6.09
N ARG A 139 4.83 18.88 -5.94
CA ARG A 139 4.37 19.84 -6.92
C ARG A 139 4.90 21.20 -6.48
N TYR A 140 5.32 22.03 -7.42
CA TYR A 140 5.80 23.37 -7.10
C TYR A 140 4.75 24.41 -7.44
N GLU A 141 4.50 25.34 -6.52
CA GLU A 141 3.41 26.28 -6.69
C GLU A 141 3.69 27.56 -5.91
N ASN A 142 3.77 28.67 -6.64
CA ASN A 142 4.33 29.91 -6.11
C ASN A 142 5.60 29.63 -5.30
N GLY A 143 5.67 30.03 -4.06
CA GLY A 143 6.92 29.77 -3.37
C GLY A 143 7.14 28.34 -2.88
N HIS A 144 6.12 27.48 -2.99
CA HIS A 144 6.09 26.30 -2.13
C HIS A 144 6.22 24.94 -2.80
N TYR A 145 6.92 24.03 -2.13
CA TYR A 145 6.85 22.62 -2.48
C TYR A 145 5.72 21.96 -1.68
N LEU A 146 4.67 21.55 -2.38
CA LEU A 146 3.53 20.92 -1.77
C LEU A 146 3.45 19.43 -2.12
N TYR A 147 2.98 18.63 -1.16
CA TYR A 147 2.73 17.20 -1.38
C TYR A 147 1.29 16.89 -1.04
N ARG A 148 0.61 16.10 -1.86
CA ARG A 148 -0.80 15.80 -1.63
C ARG A 148 -1.11 14.33 -1.76
N ILE A 149 -1.73 13.76 -0.73
CA ILE A 149 -2.37 12.45 -0.86
C ILE A 149 -3.87 12.69 -0.93
N HIS A 150 -4.42 12.69 -2.13
CA HIS A 150 -5.79 13.14 -2.32
C HIS A 150 -6.79 11.99 -2.46
N ARG A 151 -7.82 11.97 -1.62
CA ARG A 151 -8.88 10.96 -1.68
C ARG A 151 -8.33 9.53 -1.81
N SER A 152 -7.36 9.22 -0.96
CA SER A 152 -6.77 7.89 -0.91
C SER A 152 -7.75 6.95 -0.23
N PRO A 153 -8.04 5.81 -0.88
CA PRO A 153 -9.14 4.94 -0.40
C PRO A 153 -8.79 4.17 0.87
N LEU A 154 -9.67 4.23 1.86
CA LEU A 154 -9.55 3.45 3.09
C LEU A 154 -9.65 1.96 2.81
N CYS A 155 -8.90 1.14 3.55
CA CYS A 155 -9.01 -0.32 3.40
C CYS A 155 -10.28 -0.91 4.01
N GLU A 156 -10.61 -2.13 3.58
CA GLU A 156 -11.77 -2.85 4.06
C GLU A 156 -11.76 -2.96 5.59
N TYR A 157 -10.58 -3.18 6.18
CA TYR A 157 -10.48 -3.23 7.64
C TYR A 157 -11.04 -1.95 8.24
N MET A 158 -10.57 -0.80 7.78
CA MET A 158 -10.98 0.45 8.36
C MET A 158 -12.46 0.78 8.13
N ILE A 159 -13.00 0.43 6.97
CA ILE A 159 -14.40 0.69 6.69
C ILE A 159 -15.25 -0.12 7.66
N ASN A 160 -14.89 -1.39 7.78
CA ASN A 160 -15.60 -2.29 8.67
C ASN A 160 -15.49 -1.83 10.12
N PHE A 161 -14.32 -1.38 10.52
CA PHE A 161 -14.10 -0.91 11.88
C PHE A 161 -15.06 0.23 12.19
N ILE A 162 -14.96 1.31 11.40
CA ILE A 162 -15.86 2.47 11.50
C ILE A 162 -17.36 2.11 11.46
N HIS A 163 -17.76 1.16 10.60
CA HIS A 163 -19.16 0.75 10.52
C HIS A 163 -19.66 0.14 11.84
N LYS A 164 -18.90 -0.82 12.32
CA LYS A 164 -19.24 -1.53 13.55
C LYS A 164 -19.20 -0.52 14.70
N LEU A 165 -18.24 0.40 14.64
CA LEU A 165 -18.09 1.41 15.67
C LEU A 165 -19.26 2.41 15.62
N LYS A 166 -19.59 2.87 14.41
CA LYS A 166 -20.63 3.89 14.16
C LYS A 166 -21.92 3.48 14.82
N HIS A 167 -22.20 2.18 14.78
CA HIS A 167 -23.49 1.63 15.16
C HIS A 167 -23.56 1.11 16.59
N LEU A 168 -22.55 1.38 17.39
CA LEU A 168 -22.64 0.99 18.80
C LEU A 168 -23.68 1.86 19.54
N PRO A 169 -24.33 1.29 20.57
CA PRO A 169 -25.39 2.00 21.31
C PRO A 169 -24.91 3.13 22.23
N GLU A 170 -23.64 3.10 22.62
CA GLU A 170 -23.16 4.03 23.64
C GLU A 170 -21.79 4.60 23.27
N LYS A 171 -21.55 5.86 23.59
CA LYS A 171 -20.24 6.46 23.34
C LYS A 171 -19.19 5.91 24.30
N TYR A 172 -19.60 5.50 25.51
CA TYR A 172 -18.60 4.95 26.43
C TYR A 172 -18.12 3.58 25.88
N MET A 173 -19.01 2.89 25.17
CA MET A 173 -18.63 1.64 24.49
C MET A 173 -17.69 1.94 23.33
N MET A 174 -17.97 3.03 22.63
CA MET A 174 -17.10 3.47 21.56
C MET A 174 -15.71 3.83 22.07
N ASN A 175 -15.62 4.48 23.22
CA ASN A 175 -14.32 4.83 23.76
C ASN A 175 -13.53 3.63 24.22
N SER A 176 -14.23 2.59 24.66
CA SER A 176 -13.54 1.39 25.09
C SER A 176 -12.90 0.70 23.89
N VAL A 177 -13.64 0.66 22.80
CA VAL A 177 -13.10 0.09 21.59
C VAL A 177 -11.89 0.90 21.09
N LEU A 178 -11.99 2.22 21.12
CA LEU A 178 -10.93 3.07 20.60
C LEU A 178 -9.71 3.07 21.52
N GLU A 179 -9.93 2.75 22.78
CA GLU A 179 -8.87 2.72 23.79
C GLU A 179 -7.60 2.02 23.29
N ASN A 180 -7.75 0.91 22.57
CA ASN A 180 -6.61 0.12 22.14
C ASN A 180 -6.48 0.15 20.64
N PHE A 181 -6.95 1.24 20.07
CA PHE A 181 -6.87 1.46 18.65
C PHE A 181 -5.99 2.66 18.38
N THR A 182 -4.95 2.46 17.59
CA THR A 182 -3.99 3.53 17.34
C THR A 182 -3.47 3.47 15.92
N ILE A 183 -2.93 4.60 15.46
CA ILE A 183 -2.35 4.69 14.14
C ILE A 183 -0.98 5.33 14.22
N LEU A 184 0.03 4.62 13.75
CA LEU A 184 1.36 5.19 13.68
C LEU A 184 1.68 5.63 12.25
N GLN A 185 2.01 6.90 12.11
CA GLN A 185 2.31 7.45 10.79
C GLN A 185 3.72 8.00 10.70
N VAL A 186 4.60 7.38 9.92
CA VAL A 186 5.97 7.92 9.80
C VAL A 186 6.27 8.31 8.36
N VAL A 187 6.65 9.58 8.16
CA VAL A 187 6.93 10.09 6.83
C VAL A 187 8.41 10.17 6.64
N THR A 188 8.89 9.69 5.49
CA THR A 188 10.31 9.44 5.32
C THR A 188 10.81 9.96 3.98
N ASN A 189 12.04 10.48 3.98
CA ASN A 189 12.71 10.84 2.75
C ASN A 189 13.22 9.58 2.07
N ARG A 190 12.74 9.30 0.87
CA ARG A 190 13.00 8.01 0.22
C ARG A 190 14.48 7.77 -0.09
N ASP A 191 15.26 8.83 -0.23
CA ASP A 191 16.67 8.63 -0.49
C ASP A 191 17.44 8.54 0.84
N THR A 192 17.44 9.62 1.61
CA THR A 192 18.21 9.68 2.86
C THR A 192 17.71 8.72 3.95
N GLN A 193 16.50 8.21 3.78
CA GLN A 193 15.81 7.38 4.78
C GLN A 193 15.58 8.10 6.11
N GLU A 194 15.85 9.40 6.13
CA GLU A 194 15.64 10.24 7.29
C GLU A 194 14.15 10.28 7.59
N THR A 195 13.76 10.28 8.85
CA THR A 195 12.32 10.35 9.08
C THR A 195 11.98 11.84 9.20
N LEU A 196 11.00 12.26 8.41
CA LEU A 196 10.69 13.67 8.24
C LEU A 196 9.67 14.12 9.28
N LEU A 197 8.63 13.34 9.49
CA LEU A 197 7.86 13.48 10.72
C LEU A 197 7.20 12.16 11.03
N CYS A 198 6.97 11.95 12.32
CA CYS A 198 6.33 10.74 12.81
C CYS A 198 5.25 11.13 13.80
N ILE A 199 4.01 10.79 13.45
CA ILE A 199 2.85 11.16 14.24
C ILE A 199 2.14 9.94 14.78
N ALA A 200 1.87 9.96 16.08
CA ALA A 200 1.15 8.87 16.73
C ALA A 200 -0.27 9.33 17.04
N TYR A 201 -1.28 8.61 16.56
CA TYR A 201 -2.66 8.99 16.84
C TYR A 201 -3.37 8.10 17.87
N VAL A 202 -4.06 8.73 18.80
CA VAL A 202 -4.87 8.00 19.71
C VAL A 202 -6.27 8.56 19.54
N PHE A 203 -7.30 7.85 20.01
CA PHE A 203 -8.67 8.18 19.61
C PHE A 203 -9.72 8.08 20.70
N GLU A 204 -10.78 8.88 20.54
CA GLU A 204 -11.96 8.88 21.37
C GLU A 204 -13.09 9.37 20.49
N VAL A 205 -14.33 9.29 20.97
CA VAL A 205 -15.46 9.83 20.24
C VAL A 205 -15.66 11.28 20.66
N SER A 206 -16.14 12.12 19.77
CA SER A 206 -16.47 13.46 20.24
C SER A 206 -17.64 13.43 21.22
N ALA A 207 -17.52 14.22 22.29
CA ALA A 207 -18.62 14.39 23.24
C ALA A 207 -19.72 15.20 22.58
N SER A 208 -19.37 15.97 21.57
CA SER A 208 -20.31 16.86 20.92
C SER A 208 -21.29 16.08 20.07
N GLU A 209 -22.40 16.72 19.71
CA GLU A 209 -23.39 16.15 18.82
C GLU A 209 -22.86 16.01 17.42
N HIS A 210 -22.05 16.99 17.04
CA HIS A 210 -21.50 17.12 15.71
C HIS A 210 -20.13 17.75 15.75
N GLY A 211 -19.28 17.38 14.81
CA GLY A 211 -17.96 17.96 14.80
C GLY A 211 -16.92 17.09 15.46
N ALA A 212 -15.67 17.28 15.04
CA ALA A 212 -14.54 16.56 15.61
C ALA A 212 -13.56 17.54 16.22
N GLN A 213 -12.73 17.05 17.12
CA GLN A 213 -11.73 17.88 17.73
C GLN A 213 -10.43 17.13 17.74
N HIS A 214 -9.37 17.82 18.13
CA HIS A 214 -8.06 17.23 18.23
C HIS A 214 -7.24 18.01 19.24
N HIS A 215 -6.09 17.47 19.59
CA HIS A 215 -5.15 18.14 20.48
C HIS A 215 -3.78 17.62 20.12
N ILE A 216 -2.86 18.53 19.76
CA ILE A 216 -1.53 18.13 19.29
C ILE A 216 -0.48 18.22 20.41
N TYR A 217 0.43 17.25 20.45
CA TYR A 217 1.49 17.16 21.44
C TYR A 217 2.87 16.92 20.81
N ARG A 218 3.93 17.46 21.40
CA ARG A 218 5.29 17.04 21.02
C ARG A 218 5.68 15.87 21.90
N LEU A 219 6.26 14.84 21.31
CA LEU A 219 6.69 13.67 22.07
C LEU A 219 8.11 13.90 22.57
N VAL A 220 8.37 13.64 23.86
CA VAL A 220 9.70 13.90 24.42
C VAL A 220 10.30 12.71 25.18
N LYS A 221 11.59 12.85 25.52
CA LYS A 221 12.36 11.89 26.31
C LYS A 221 12.26 10.43 25.89
N SER B 6 1.48 -16.80 -26.25
CA SER B 6 1.92 -15.77 -25.32
C SER B 6 0.76 -15.07 -24.59
N ILE B 7 1.13 -14.29 -23.57
CA ILE B 7 0.17 -13.59 -22.71
C ILE B 7 -0.26 -12.27 -23.33
N ALA B 8 -1.37 -12.32 -24.09
CA ALA B 8 -1.79 -11.20 -24.92
C ALA B 8 -3.29 -11.13 -25.13
N SER B 9 -3.83 -9.94 -24.93
CA SER B 9 -5.20 -9.65 -25.30
C SER B 9 -5.15 -8.80 -26.55
N SER B 10 -6.27 -8.19 -26.91
CA SER B 10 -6.28 -7.28 -28.04
C SER B 10 -5.43 -6.02 -27.81
N LYS B 11 -5.37 -5.51 -26.56
CA LYS B 11 -4.73 -4.22 -26.35
C LYS B 11 -3.40 -4.25 -25.61
N LEU B 12 -3.06 -5.36 -24.98
CA LEU B 12 -1.81 -5.41 -24.23
C LEU B 12 -1.23 -6.82 -24.15
N TRP B 13 0.09 -6.92 -24.24
CA TRP B 13 0.77 -8.20 -24.05
C TRP B 13 2.02 -8.00 -23.20
N MET B 14 2.28 -8.99 -22.35
CA MET B 14 3.46 -8.98 -21.50
C MET B 14 4.60 -9.64 -22.26
N LEU B 15 5.75 -8.98 -22.28
CA LEU B 15 6.92 -9.44 -23.00
C LEU B 15 7.84 -10.11 -22.04
N GLU B 16 7.93 -9.51 -20.87
CA GLU B 16 8.90 -9.94 -19.88
C GLU B 16 8.29 -9.76 -18.49
N PHE B 17 8.65 -10.68 -17.59
CA PHE B 17 8.32 -10.60 -16.17
C PHE B 17 9.41 -11.34 -15.43
N SER B 18 9.88 -10.80 -14.32
CA SER B 18 10.90 -11.47 -13.53
C SER B 18 10.94 -10.99 -12.09
N ALA B 19 11.14 -11.94 -11.19
CA ALA B 19 11.38 -11.64 -9.80
C ALA B 19 12.82 -12.04 -9.51
N PHE B 20 13.55 -11.20 -8.78
CA PHE B 20 14.98 -11.42 -8.69
C PHE B 20 15.59 -10.96 -7.38
N LEU B 21 16.82 -11.40 -7.14
CA LEU B 21 17.57 -10.99 -5.98
C LEU B 21 18.97 -10.56 -6.40
N GLU B 22 19.38 -9.37 -5.96
CA GLU B 22 20.70 -8.86 -6.29
C GLU B 22 21.55 -8.65 -5.03
N LYS B 32 22.99 -11.27 -9.82
CA LYS B 32 21.53 -11.40 -9.88
C LYS B 32 21.06 -12.86 -9.85
N HIS B 33 19.96 -13.10 -9.15
CA HIS B 33 19.34 -14.42 -9.12
C HIS B 33 17.87 -14.35 -9.49
N LEU B 34 17.45 -15.17 -10.47
CA LEU B 34 16.06 -15.25 -10.87
C LEU B 34 15.26 -16.27 -10.05
N PHE B 35 14.21 -15.82 -9.38
CA PHE B 35 13.31 -16.74 -8.71
C PHE B 35 12.34 -17.28 -9.74
N VAL B 36 12.01 -16.41 -10.67
CA VAL B 36 10.85 -16.63 -11.54
C VAL B 36 10.99 -15.68 -12.72
N HIS B 37 10.93 -16.20 -13.93
CA HIS B 37 11.14 -15.36 -15.13
C HIS B 37 10.31 -15.75 -16.35
N ILE B 38 9.88 -14.74 -17.11
CA ILE B 38 9.25 -14.94 -18.41
C ILE B 38 9.83 -13.97 -19.44
N SER B 39 10.15 -14.49 -20.63
CA SER B 39 10.56 -13.64 -21.74
C SER B 39 9.92 -14.10 -23.05
N PRO B 48 -0.91 -19.95 -31.51
CA PRO B 48 -1.03 -19.78 -30.05
C PRO B 48 -1.19 -21.15 -29.37
N TYR B 49 -2.45 -21.56 -29.23
CA TYR B 49 -2.85 -22.88 -28.74
C TYR B 49 -2.37 -23.15 -27.32
N LEU B 50 -2.53 -22.14 -26.47
CA LEU B 50 -2.25 -22.35 -25.07
C LEU B 50 -3.30 -23.29 -24.52
N GLU B 51 -2.92 -24.12 -23.55
CA GLU B 51 -3.89 -24.99 -22.91
C GLU B 51 -4.83 -24.13 -22.07
N THR B 52 -6.00 -24.64 -21.74
CA THR B 52 -6.96 -23.83 -20.99
C THR B 52 -7.21 -24.32 -19.56
N VAL B 53 -7.85 -23.46 -18.76
CA VAL B 53 -8.22 -23.76 -17.40
C VAL B 53 -9.60 -23.16 -17.18
N ASP B 54 -10.54 -23.93 -16.63
CA ASP B 54 -11.88 -23.41 -16.36
C ASP B 54 -11.78 -22.45 -15.18
N ILE B 55 -12.09 -21.18 -15.41
CA ILE B 55 -11.84 -20.15 -14.41
C ILE B 55 -12.69 -20.40 -13.15
N ARG B 56 -13.77 -21.16 -13.30
CA ARG B 56 -14.65 -21.45 -12.17
C ARG B 56 -13.94 -22.34 -11.16
N GLN B 57 -12.91 -23.04 -11.61
CA GLN B 57 -12.12 -23.90 -10.75
C GLN B 57 -11.06 -23.23 -9.91
N ILE B 58 -10.84 -21.92 -10.11
CA ILE B 58 -9.79 -21.23 -9.36
C ILE B 58 -10.33 -20.01 -8.62
N TYR B 59 -11.60 -19.69 -8.81
CA TYR B 59 -12.24 -18.56 -8.10
C TYR B 59 -11.92 -18.54 -6.61
N ASP B 60 -11.92 -19.73 -6.00
CA ASP B 60 -11.68 -19.86 -4.55
C ASP B 60 -10.25 -19.50 -4.20
N LYS B 61 -9.38 -19.39 -5.21
CA LYS B 61 -7.98 -19.09 -4.95
C LYS B 61 -7.68 -17.60 -4.98
N PHE B 62 -8.70 -16.78 -5.18
CA PHE B 62 -8.55 -15.33 -5.26
C PHE B 62 -9.78 -14.73 -4.58
N PRO B 63 -9.72 -13.45 -4.13
CA PRO B 63 -10.84 -12.84 -3.39
C PRO B 63 -12.11 -12.88 -4.21
N GLU B 64 -13.20 -13.33 -3.58
CA GLU B 64 -14.40 -13.74 -4.32
C GLU B 64 -15.59 -12.79 -4.29
N LYS B 65 -15.49 -11.69 -3.57
CA LYS B 65 -16.64 -10.80 -3.49
C LYS B 65 -16.59 -9.83 -4.65
N LYS B 66 -16.82 -8.56 -4.36
CA LYS B 66 -16.72 -7.52 -5.38
C LYS B 66 -15.24 -7.33 -5.71
N GLY B 67 -14.93 -7.13 -6.98
CA GLY B 67 -13.56 -6.99 -7.41
C GLY B 67 -12.97 -8.35 -7.63
N GLY B 68 -13.79 -9.36 -7.41
CA GLY B 68 -13.39 -10.74 -7.49
C GLY B 68 -13.13 -11.20 -8.92
N LEU B 69 -12.38 -12.28 -9.04
CA LEU B 69 -12.00 -12.83 -10.32
C LEU B 69 -13.23 -13.15 -11.18
N LYS B 70 -14.29 -13.62 -10.54
CA LYS B 70 -15.53 -13.95 -11.24
C LYS B 70 -16.19 -12.72 -11.86
N GLU B 71 -16.35 -11.69 -11.05
CA GLU B 71 -16.90 -10.42 -11.48
C GLU B 71 -15.99 -9.75 -12.51
N LEU B 72 -14.68 -9.92 -12.32
CA LEU B 72 -13.72 -9.35 -13.26
C LEU B 72 -13.89 -9.98 -14.62
N PHE B 73 -14.01 -11.29 -14.64
CA PHE B 73 -14.12 -12.03 -15.89
C PHE B 73 -15.37 -11.65 -16.65
N GLU B 74 -16.47 -11.56 -15.91
CA GLU B 74 -17.77 -11.25 -16.50
C GLU B 74 -17.84 -9.88 -17.13
N ARG B 75 -17.07 -8.92 -16.62
CA ARG B 75 -17.08 -7.58 -17.22
C ARG B 75 -16.06 -7.50 -18.35
N GLY B 76 -14.79 -7.53 -18.00
CA GLY B 76 -13.72 -7.32 -18.95
C GLY B 76 -13.72 -8.40 -20.01
N PRO B 77 -13.00 -8.15 -21.11
CA PRO B 77 -12.89 -9.04 -22.28
C PRO B 77 -12.31 -10.38 -21.86
N SER B 78 -12.91 -11.48 -22.28
CA SER B 78 -12.45 -12.78 -21.84
C SER B 78 -11.13 -13.21 -22.49
N ASN B 79 -10.66 -12.45 -23.47
CA ASN B 79 -9.42 -12.79 -24.14
C ASN B 79 -8.25 -12.14 -23.46
N ALA B 80 -8.52 -11.55 -22.30
CA ALA B 80 -7.50 -10.88 -21.51
C ALA B 80 -7.09 -11.70 -20.28
N PHE B 81 -7.64 -12.89 -20.10
CA PHE B 81 -7.43 -13.62 -18.84
C PHE B 81 -6.50 -14.82 -18.97
N PHE B 82 -5.50 -14.88 -18.09
CA PHE B 82 -4.46 -15.91 -18.15
C PHE B 82 -4.10 -16.47 -16.77
N LEU B 83 -3.65 -17.72 -16.75
CA LEU B 83 -3.09 -18.36 -15.57
C LEU B 83 -1.66 -18.82 -15.86
N VAL B 84 -0.70 -18.37 -15.06
CA VAL B 84 0.67 -18.84 -15.18
C VAL B 84 1.09 -19.72 -13.99
N LYS B 85 1.59 -20.93 -14.28
CA LYS B 85 2.16 -21.79 -13.25
C LYS B 85 3.65 -21.57 -13.19
N PHE B 86 4.18 -21.11 -12.06
CA PHE B 86 5.63 -20.96 -11.92
C PHE B 86 6.27 -22.11 -11.13
N TRP B 87 7.49 -22.45 -11.48
CA TRP B 87 8.32 -23.34 -10.68
C TRP B 87 9.54 -22.58 -10.22
N ALA B 88 9.45 -21.96 -9.04
CA ALA B 88 10.50 -21.05 -8.57
C ALA B 88 11.86 -21.71 -8.39
N ASP B 89 12.91 -20.90 -8.57
CA ASP B 89 14.27 -21.30 -8.25
C ASP B 89 14.63 -20.57 -6.97
N LEU B 90 14.56 -21.29 -5.85
CA LEU B 90 14.83 -20.69 -4.55
C LEU B 90 16.27 -20.95 -4.09
N ASN B 91 17.07 -21.50 -5.00
CA ASN B 91 18.40 -21.98 -4.66
C ASN B 91 19.47 -20.91 -4.84
N THR B 92 19.53 -19.97 -3.89
CA THR B 92 20.55 -18.93 -3.91
C THR B 92 20.89 -18.46 -2.49
N ASN B 93 22.11 -17.95 -2.29
CA ASN B 93 22.55 -17.49 -0.98
C ASN B 93 22.88 -15.98 -0.95
N ILE B 94 22.47 -15.26 -1.99
CA ILE B 94 22.71 -13.82 -2.08
C ILE B 94 21.86 -13.02 -1.10
N ALA B 100 21.71 -6.83 -0.41
CA ALA B 100 20.94 -7.50 -1.46
C ALA B 100 19.59 -6.81 -1.73
N PHE B 101 19.31 -6.54 -3.00
CA PHE B 101 18.03 -5.96 -3.39
C PHE B 101 17.08 -7.02 -3.94
N TYR B 102 15.86 -7.04 -3.39
CA TYR B 102 14.78 -7.88 -3.90
C TYR B 102 13.88 -7.07 -4.83
N GLY B 103 13.84 -7.43 -6.11
CA GLY B 103 13.01 -6.67 -7.02
C GLY B 103 12.20 -7.51 -7.97
N VAL B 104 11.20 -6.89 -8.59
CA VAL B 104 10.50 -7.51 -9.73
C VAL B 104 10.41 -6.52 -10.91
N SER B 105 10.66 -7.03 -12.12
CA SER B 105 10.61 -6.19 -13.33
C SER B 105 9.74 -6.80 -14.40
N SER B 106 8.76 -6.05 -14.92
CA SER B 106 7.98 -6.53 -16.06
C SER B 106 7.85 -5.44 -17.14
N GLN B 107 7.48 -5.85 -18.34
CA GLN B 107 7.37 -4.92 -19.45
C GLN B 107 6.19 -5.32 -20.33
N TYR B 108 5.42 -4.35 -20.79
CA TYR B 108 4.28 -4.65 -21.64
C TYR B 108 4.32 -3.85 -22.94
N GLU B 109 3.58 -4.33 -23.94
CA GLU B 109 3.53 -3.67 -25.22
C GLU B 109 2.08 -3.44 -25.68
N SER B 110 1.81 -2.27 -26.23
CA SER B 110 0.49 -1.94 -26.78
C SER B 110 0.56 -1.26 -28.14
N PRO B 111 -0.47 -1.47 -28.98
CA PRO B 111 -0.65 -0.68 -30.20
C PRO B 111 -1.19 0.72 -29.89
N GLU B 112 -2.01 0.82 -28.84
CA GLU B 112 -2.57 2.11 -28.44
C GLU B 112 -1.65 2.84 -27.43
N ASN B 113 -1.73 4.16 -27.38
CA ASN B 113 -1.06 4.93 -26.33
C ASN B 113 -2.00 5.18 -25.16
N MET B 114 -1.70 4.62 -23.99
CA MET B 114 -2.57 4.88 -22.85
C MET B 114 -1.84 4.92 -21.53
N ILE B 115 -2.58 5.31 -20.48
CA ILE B 115 -2.09 5.30 -19.11
C ILE B 115 -2.59 4.04 -18.40
N ILE B 116 -1.66 3.17 -17.98
CA ILE B 116 -2.09 1.92 -17.36
C ILE B 116 -1.82 1.85 -15.86
N THR B 117 -2.74 1.21 -15.15
CA THR B 117 -2.51 0.87 -13.76
C THR B 117 -2.30 -0.62 -13.62
N CYS B 118 -1.18 -1.03 -13.04
CA CYS B 118 -1.01 -2.46 -12.79
C CYS B 118 -1.33 -2.71 -11.33
N SER B 119 -2.33 -3.53 -11.09
CA SER B 119 -2.68 -3.89 -9.72
C SER B 119 -2.35 -5.33 -9.44
N THR B 120 -1.45 -5.57 -8.50
CA THR B 120 -1.10 -6.95 -8.13
C THR B 120 -1.41 -7.29 -6.65
N LYS B 121 -2.36 -8.21 -6.44
CA LYS B 121 -2.76 -8.65 -5.09
C LYS B 121 -2.15 -9.99 -4.73
N VAL B 122 -1.36 -10.04 -3.65
CA VAL B 122 -0.88 -11.31 -3.13
C VAL B 122 -1.99 -11.93 -2.27
N CYS B 123 -2.16 -13.24 -2.40
CA CYS B 123 -3.30 -13.88 -1.76
C CYS B 123 -2.95 -15.11 -0.98
N SER B 124 -3.38 -15.12 0.28
CA SER B 124 -3.16 -16.29 1.12
C SER B 124 -4.49 -16.99 1.33
N PHE B 125 -4.58 -18.22 0.83
CA PHE B 125 -5.81 -19.00 0.85
C PHE B 125 -6.99 -18.20 0.31
N GLY B 126 -6.73 -17.45 -0.76
CA GLY B 126 -7.76 -16.66 -1.44
C GLY B 126 -8.12 -15.34 -0.79
N LYS B 127 -7.49 -15.02 0.35
CA LYS B 127 -7.68 -13.74 1.01
C LYS B 127 -6.50 -12.80 0.68
N GLN B 128 -6.79 -11.54 0.36
CA GLN B 128 -5.73 -10.61 -0.03
C GLN B 128 -4.84 -10.23 1.16
N VAL B 129 -3.53 -10.31 0.96
CA VAL B 129 -2.58 -9.97 2.03
C VAL B 129 -1.70 -8.76 1.68
N VAL B 130 -1.23 -8.64 0.43
CA VAL B 130 -0.67 -7.37 0.02
C VAL B 130 -1.24 -7.00 -1.35
N GLU B 131 -1.39 -5.71 -1.59
CA GLU B 131 -1.74 -5.22 -2.91
C GLU B 131 -0.79 -4.11 -3.23
N LYS B 132 -0.22 -4.17 -4.43
CA LYS B 132 0.68 -3.14 -4.92
C LYS B 132 0.03 -2.51 -6.14
N VAL B 133 -0.12 -1.20 -6.12
CA VAL B 133 -0.67 -0.49 -7.26
C VAL B 133 0.35 0.45 -7.90
N GLU B 134 0.59 0.24 -9.19
CA GLU B 134 1.59 0.98 -9.95
C GLU B 134 0.92 1.61 -11.16
N THR B 135 1.28 2.86 -11.45
CA THR B 135 0.75 3.50 -12.65
C THR B 135 1.87 3.95 -13.59
N GLU B 136 1.79 3.51 -14.84
CA GLU B 136 2.82 3.75 -15.84
C GLU B 136 2.38 4.38 -17.16
N TYR B 137 3.26 5.22 -17.71
CA TYR B 137 3.14 5.77 -19.05
C TYR B 137 3.89 4.91 -20.07
N ALA B 138 3.63 5.18 -21.35
CA ALA B 138 4.31 4.50 -22.44
C ALA B 138 5.42 5.38 -23.03
N ARG B 139 6.60 4.83 -23.28
CA ARG B 139 7.53 5.50 -24.19
C ARG B 139 7.24 4.88 -25.56
N TYR B 140 7.33 5.67 -26.63
CA TYR B 140 7.04 5.15 -27.96
C TYR B 140 8.35 4.73 -28.57
N GLU B 141 8.41 3.47 -28.97
CA GLU B 141 9.68 2.82 -29.29
C GLU B 141 9.40 1.68 -30.26
N ASN B 142 10.16 1.65 -31.35
CA ASN B 142 9.83 0.86 -32.54
C ASN B 142 8.38 1.07 -32.98
N GLY B 143 7.67 -0.02 -33.25
CA GLY B 143 6.32 0.13 -33.78
C GLY B 143 5.24 0.41 -32.75
N HIS B 144 5.59 0.21 -31.48
CA HIS B 144 4.60 0.13 -30.42
C HIS B 144 4.85 1.08 -29.25
N TYR B 145 3.82 1.19 -28.42
CA TYR B 145 3.96 1.80 -27.12
C TYR B 145 4.40 0.77 -26.07
N LEU B 146 5.58 0.97 -25.49
CA LEU B 146 6.09 0.09 -24.43
C LEU B 146 5.91 0.69 -23.07
N TYR B 147 5.59 -0.19 -22.12
CA TYR B 147 5.46 0.15 -20.72
C TYR B 147 6.45 -0.67 -19.91
N ARG B 148 7.08 -0.03 -18.94
CA ARG B 148 8.13 -0.68 -18.20
C ARG B 148 7.92 -0.43 -16.71
N ILE B 149 7.87 -1.50 -15.94
CA ILE B 149 8.04 -1.40 -14.48
C ILE B 149 9.44 -1.90 -14.19
N HIS B 150 10.37 -0.98 -13.99
CA HIS B 150 11.77 -1.36 -13.89
C HIS B 150 12.27 -1.43 -12.46
N ARG B 151 12.79 -2.59 -12.07
CA ARG B 151 13.38 -2.81 -10.75
C ARG B 151 12.51 -2.30 -9.60
N SER B 152 11.21 -2.56 -9.66
CA SER B 152 10.34 -2.13 -8.58
C SER B 152 10.46 -3.10 -7.39
N PRO B 153 10.71 -2.55 -6.21
CA PRO B 153 11.08 -3.28 -4.98
C PRO B 153 9.92 -4.07 -4.35
N LEU B 154 10.19 -5.32 -3.94
CA LEU B 154 9.23 -6.13 -3.20
C LEU B 154 8.92 -5.50 -1.83
N CYS B 155 7.69 -5.65 -1.37
CA CYS B 155 7.27 -5.15 -0.04
C CYS B 155 7.90 -5.96 1.08
N GLU B 156 7.80 -5.47 2.32
CA GLU B 156 8.36 -6.14 3.47
C GLU B 156 7.81 -7.56 3.60
N TYR B 157 6.51 -7.69 3.38
CA TYR B 157 5.84 -8.99 3.43
C TYR B 157 6.50 -10.02 2.53
N MET B 158 6.71 -9.66 1.26
CA MET B 158 7.26 -10.60 0.26
C MET B 158 8.70 -11.00 0.53
N ILE B 159 9.48 -10.09 1.06
CA ILE B 159 10.86 -10.41 1.34
C ILE B 159 10.86 -11.44 2.45
N ASN B 160 10.07 -11.14 3.47
CA ASN B 160 9.99 -11.99 4.63
C ASN B 160 9.47 -13.36 4.20
N PHE B 161 8.48 -13.37 3.31
CA PHE B 161 7.92 -14.62 2.81
C PHE B 161 8.99 -15.46 2.13
N ILE B 162 9.57 -14.93 1.06
CA ILE B 162 10.64 -15.63 0.31
C ILE B 162 11.77 -16.07 1.23
N HIS B 163 12.10 -15.24 2.20
CA HIS B 163 13.15 -15.57 3.16
C HIS B 163 12.82 -16.83 3.95
N LYS B 164 11.66 -16.81 4.59
CA LYS B 164 11.21 -17.95 5.37
C LYS B 164 10.98 -19.16 4.46
N LEU B 165 10.49 -18.91 3.26
CA LEU B 165 10.26 -20.00 2.34
C LEU B 165 11.58 -20.64 1.94
N LYS B 166 12.53 -19.81 1.53
CA LYS B 166 13.84 -20.25 1.01
C LYS B 166 14.58 -21.13 2.00
N HIS B 167 14.42 -20.85 3.29
CA HIS B 167 15.23 -21.49 4.33
C HIS B 167 14.57 -22.71 4.97
N LEU B 168 13.46 -23.19 4.42
CA LEU B 168 12.83 -24.41 4.92
C LEU B 168 13.68 -25.66 4.57
N PRO B 169 13.71 -26.66 5.46
CA PRO B 169 14.58 -27.84 5.30
C PRO B 169 14.21 -28.81 4.16
N GLU B 170 13.02 -28.73 3.60
CA GLU B 170 12.58 -29.67 2.55
C GLU B 170 11.75 -29.02 1.44
N LYS B 171 11.88 -29.52 0.21
CA LYS B 171 11.09 -28.98 -0.88
C LYS B 171 9.62 -29.36 -0.76
N TYR B 172 9.31 -30.49 -0.13
CA TYR B 172 7.89 -30.86 0.06
C TYR B 172 7.21 -29.90 1.03
N MET B 173 7.97 -29.37 1.99
CA MET B 173 7.43 -28.35 2.89
C MET B 173 7.18 -27.06 2.13
N MET B 174 8.12 -26.72 1.25
CA MET B 174 8.03 -25.49 0.47
C MET B 174 6.83 -25.49 -0.44
N ASN B 175 6.55 -26.64 -1.06
CA ASN B 175 5.40 -26.73 -1.94
C ASN B 175 4.11 -26.70 -1.16
N SER B 176 4.16 -27.14 0.10
CA SER B 176 3.00 -27.09 0.97
C SER B 176 2.67 -25.64 1.27
N VAL B 177 3.71 -24.85 1.53
CA VAL B 177 3.50 -23.42 1.73
C VAL B 177 2.98 -22.76 0.44
N LEU B 178 3.58 -23.12 -0.70
CA LEU B 178 3.22 -22.50 -1.99
C LEU B 178 1.85 -22.92 -2.54
N GLU B 179 1.35 -24.06 -2.09
CA GLU B 179 0.06 -24.60 -2.50
C GLU B 179 -1.07 -23.58 -2.54
N ASN B 180 -1.13 -22.78 -1.48
CA ASN B 180 -2.22 -21.84 -1.34
C ASN B 180 -1.72 -20.41 -1.35
N PHE B 181 -0.64 -20.23 -2.08
CA PHE B 181 -0.07 -18.91 -2.28
C PHE B 181 -0.27 -18.52 -3.74
N THR B 182 -0.97 -17.42 -3.98
CA THR B 182 -1.29 -17.05 -5.35
C THR B 182 -1.25 -15.54 -5.51
N ILE B 183 -1.08 -15.10 -6.75
CA ILE B 183 -1.03 -13.67 -7.03
C ILE B 183 -1.96 -13.31 -8.18
N LEU B 184 -2.87 -12.38 -7.95
CA LEU B 184 -3.75 -11.90 -9.03
C LEU B 184 -3.20 -10.57 -9.54
N GLN B 185 -2.94 -10.52 -10.84
CA GLN B 185 -2.41 -9.31 -11.46
C GLN B 185 -3.38 -8.82 -12.50
N VAL B 186 -4.00 -7.67 -12.23
CA VAL B 186 -4.96 -7.15 -13.17
C VAL B 186 -4.48 -5.79 -13.68
N VAL B 187 -4.27 -5.69 -15.00
CA VAL B 187 -3.77 -4.47 -15.62
C VAL B 187 -4.90 -3.70 -16.27
N THR B 188 -4.95 -2.40 -16.05
CA THR B 188 -6.13 -1.65 -16.39
C THR B 188 -5.77 -0.34 -17.08
N ASN B 189 -6.58 0.03 -18.07
CA ASN B 189 -6.51 1.33 -18.72
C ASN B 189 -7.11 2.28 -17.73
N ARG B 190 -6.32 3.22 -17.23
CA ARG B 190 -6.78 4.00 -16.10
C ARG B 190 -7.97 4.89 -16.40
N ASP B 191 -8.13 5.30 -17.65
CA ASP B 191 -9.18 6.26 -18.00
C ASP B 191 -10.48 5.53 -18.26
N THR B 192 -10.48 4.65 -19.24
CA THR B 192 -11.67 3.87 -19.59
C THR B 192 -12.09 2.85 -18.52
N GLN B 193 -11.18 2.55 -17.59
CA GLN B 193 -11.34 1.48 -16.58
C GLN B 193 -11.42 0.06 -17.18
N GLU B 194 -11.21 -0.07 -18.49
CA GLU B 194 -11.19 -1.37 -19.17
C GLU B 194 -10.02 -2.24 -18.70
N THR B 195 -10.21 -3.56 -18.58
CA THR B 195 -9.07 -4.40 -18.18
C THR B 195 -8.35 -4.97 -19.41
N LEU B 196 -7.03 -4.80 -19.43
CA LEU B 196 -6.23 -5.08 -20.62
C LEU B 196 -5.68 -6.51 -20.59
N LEU B 197 -5.13 -6.93 -19.47
CA LEU B 197 -4.92 -8.35 -19.22
C LEU B 197 -4.95 -8.66 -17.72
N CYS B 198 -5.35 -9.88 -17.40
CA CYS B 198 -5.48 -10.36 -16.04
C CYS B 198 -4.77 -11.68 -15.86
N ILE B 199 -3.74 -11.71 -15.03
CA ILE B 199 -2.96 -12.94 -14.92
C ILE B 199 -3.03 -13.51 -13.51
N ALA B 200 -3.35 -14.80 -13.42
CA ALA B 200 -3.40 -15.46 -12.14
C ALA B 200 -2.18 -16.37 -11.99
N TYR B 201 -1.40 -16.18 -10.95
CA TYR B 201 -0.24 -17.03 -10.76
C TYR B 201 -0.44 -18.07 -9.66
N VAL B 202 -0.01 -19.29 -9.93
CA VAL B 202 0.05 -20.33 -8.92
C VAL B 202 1.51 -20.77 -8.83
N PHE B 203 1.88 -21.51 -7.79
CA PHE B 203 3.32 -21.73 -7.53
C PHE B 203 3.73 -23.10 -7.04
N GLU B 204 4.98 -23.44 -7.33
CA GLU B 204 5.65 -24.60 -6.80
C GLU B 204 7.13 -24.32 -6.76
N VAL B 205 7.90 -25.14 -6.06
CA VAL B 205 9.35 -25.02 -6.17
C VAL B 205 9.81 -25.91 -7.32
N SER B 206 10.86 -25.47 -8.00
CA SER B 206 11.43 -26.24 -9.10
C SER B 206 11.99 -27.54 -8.55
N ALA B 207 11.80 -28.63 -9.29
CA ALA B 207 12.39 -29.92 -8.91
C ALA B 207 13.92 -29.94 -9.10
N SER B 208 14.41 -29.10 -10.01
CA SER B 208 15.83 -29.05 -10.36
C SER B 208 16.66 -28.41 -9.23
N GLU B 209 17.98 -28.62 -9.27
CA GLU B 209 18.86 -27.97 -8.30
C GLU B 209 18.89 -26.48 -8.62
N HIS B 210 18.79 -26.20 -9.92
CA HIS B 210 18.92 -24.86 -10.47
C HIS B 210 17.97 -24.65 -11.64
N GLY B 211 17.54 -23.41 -11.82
CA GLY B 211 16.63 -23.05 -12.88
C GLY B 211 15.18 -22.95 -12.46
N ALA B 212 14.43 -22.11 -13.15
CA ALA B 212 12.99 -21.99 -12.94
C ALA B 212 12.28 -22.31 -14.25
N GLN B 213 11.04 -22.70 -14.18
CA GLN B 213 10.28 -22.98 -15.38
C GLN B 213 8.93 -22.31 -15.27
N HIS B 214 8.15 -22.31 -16.34
CA HIS B 214 6.82 -21.75 -16.27
C HIS B 214 5.94 -22.40 -17.32
N HIS B 215 4.63 -22.21 -17.22
CA HIS B 215 3.69 -22.75 -18.16
C HIS B 215 2.43 -21.88 -18.21
N ILE B 216 2.10 -21.41 -19.41
CA ILE B 216 1.05 -20.41 -19.58
C ILE B 216 -0.28 -21.03 -20.04
N TYR B 217 -1.37 -20.55 -19.46
CA TYR B 217 -2.69 -21.08 -19.77
C TYR B 217 -3.63 -19.94 -20.10
N ARG B 218 -4.58 -20.19 -20.99
CA ARG B 218 -5.65 -19.24 -21.21
C ARG B 218 -6.77 -19.59 -20.26
N LEU B 219 -7.31 -18.59 -19.57
CA LEU B 219 -8.42 -18.84 -18.66
C LEU B 219 -9.70 -18.77 -19.45
N VAL B 220 -10.58 -19.76 -19.31
CA VAL B 220 -11.81 -19.79 -20.12
C VAL B 220 -13.12 -19.96 -19.33
N LYS B 221 -14.22 -19.72 -20.05
CA LYS B 221 -15.61 -19.86 -19.56
C LYS B 221 -15.86 -19.20 -18.20
N ASP C 5 12.23 18.43 -12.48
CA ASP C 5 12.38 19.79 -11.96
C ASP C 5 11.03 20.46 -11.74
N PRO C 6 10.60 20.53 -10.47
CA PRO C 6 9.24 20.98 -10.17
C PRO C 6 9.00 22.44 -10.56
N VAL C 7 10.03 23.27 -10.55
CA VAL C 7 9.87 24.68 -10.91
C VAL C 7 9.64 24.83 -12.41
N VAL C 8 10.25 23.96 -13.20
CA VAL C 8 9.96 23.91 -14.64
C VAL C 8 8.57 23.33 -14.88
N GLU C 9 8.34 22.19 -14.25
CA GLU C 9 7.04 21.55 -14.27
C GLU C 9 5.90 22.54 -14.05
N GLU C 10 6.07 23.48 -13.12
CA GLU C 10 4.99 24.42 -12.81
C GLU C 10 4.58 25.21 -14.03
N HIS C 11 5.58 25.80 -14.68
CA HIS C 11 5.38 26.52 -15.93
C HIS C 11 4.57 25.73 -16.95
N PHE C 12 4.99 24.48 -17.20
CA PHE C 12 4.28 23.60 -18.11
C PHE C 12 2.86 23.27 -17.67
N ARG C 13 2.70 22.96 -16.39
CA ARG C 13 1.41 22.58 -15.84
C ARG C 13 0.44 23.71 -16.08
N ARG C 14 0.91 24.90 -15.78
CA ARG C 14 0.17 26.12 -15.93
C ARG C 14 -0.13 26.47 -17.37
N SER C 15 0.76 26.08 -18.27
CA SER C 15 0.65 26.39 -19.70
C SER C 15 -0.29 25.47 -20.48
N LEU C 16 -0.31 24.20 -20.13
CA LEU C 16 -1.05 23.23 -20.92
C LEU C 16 -2.44 22.90 -20.38
N GLY C 17 -2.70 23.21 -19.11
CA GLY C 17 -3.96 22.86 -18.49
C GLY C 17 -4.33 21.40 -18.70
N LYS C 18 -5.45 21.15 -19.37
CA LYS C 18 -5.99 19.79 -19.50
C LYS C 18 -5.14 18.92 -20.43
N ASN C 19 -4.09 19.50 -21.03
CA ASN C 19 -3.16 18.69 -21.80
C ASN C 19 -1.88 18.37 -21.04
N TYR C 20 -1.91 18.53 -19.73
CA TYR C 20 -0.68 18.37 -18.98
C TYR C 20 -0.51 16.94 -18.49
N LYS C 21 0.52 16.27 -18.99
CA LYS C 21 0.90 14.93 -18.53
C LYS C 21 1.57 14.99 -17.14
N GLU C 22 0.82 14.58 -16.12
CA GLU C 22 1.39 14.40 -14.79
C GLU C 22 2.62 13.48 -14.84
N PRO C 23 3.81 14.02 -14.50
CA PRO C 23 5.09 13.28 -14.61
C PRO C 23 5.17 11.98 -13.78
N GLU C 24 4.41 11.89 -12.70
CA GLU C 24 4.35 10.67 -11.89
C GLU C 24 2.89 10.43 -11.50
N PRO C 25 2.16 9.64 -12.31
CA PRO C 25 0.71 9.64 -12.20
C PRO C 25 0.17 8.70 -11.14
N ALA C 26 -0.94 9.10 -10.53
CA ALA C 26 -1.65 8.29 -9.55
C ALA C 26 -2.65 7.34 -10.25
N PRO C 27 -2.94 6.18 -9.63
CA PRO C 27 -2.58 5.78 -8.26
C PRO C 27 -1.27 5.00 -8.10
N ASN C 28 -0.73 5.09 -6.87
CA ASN C 28 0.42 4.32 -6.42
C ASN C 28 0.27 4.08 -4.93
N SER C 29 0.68 2.89 -4.48
CA SER C 29 0.53 2.46 -3.09
C SER C 29 0.98 1.04 -2.89
N VAL C 30 1.35 0.69 -1.66
CA VAL C 30 1.44 -0.70 -1.25
C VAL C 30 0.68 -0.93 0.06
N SER C 31 -0.34 -1.77 0.02
CA SER C 31 -1.16 -2.03 1.21
C SER C 31 -0.90 -3.45 1.72
N ILE C 32 -0.59 -3.58 3.01
CA ILE C 32 -0.26 -4.89 3.57
C ILE C 32 -1.23 -5.23 4.67
N THR C 33 -1.97 -6.31 4.51
CA THR C 33 -3.02 -6.60 5.47
C THR C 33 -2.91 -8.01 6.04
N GLY C 34 -1.70 -8.43 6.34
CA GLY C 34 -1.47 -9.83 6.69
C GLY C 34 -0.06 -10.17 7.13
N SER C 35 0.05 -11.25 7.90
CA SER C 35 1.31 -11.66 8.48
C SER C 35 1.80 -12.91 7.78
N VAL C 36 3.02 -12.87 7.25
CA VAL C 36 3.63 -14.04 6.65
C VAL C 36 3.55 -15.24 7.56
N ASP C 37 3.88 -15.00 8.83
CA ASP C 37 3.80 -16.02 9.84
C ASP C 37 2.47 -16.78 9.79
N ASP C 38 1.36 -16.05 9.91
CA ASP C 38 0.03 -16.66 9.88
C ASP C 38 -0.16 -17.60 8.71
N HIS C 39 0.46 -17.29 7.57
CA HIS C 39 0.36 -18.18 6.42
C HIS C 39 1.07 -19.52 6.62
N PHE C 40 2.27 -19.44 7.20
CA PHE C 40 3.08 -20.64 7.38
C PHE C 40 2.43 -21.56 8.38
N ALA C 41 1.91 -20.97 9.45
CA ALA C 41 1.22 -21.71 10.48
C ALA C 41 0.08 -22.46 9.82
N LYS C 42 -0.68 -21.79 8.96
CA LYS C 42 -1.79 -22.44 8.26
C LYS C 42 -1.38 -23.53 7.27
N ALA C 43 -0.16 -23.47 6.76
CA ALA C 43 0.24 -24.42 5.72
C ALA C 43 0.96 -25.61 6.32
N LEU C 44 1.62 -25.39 7.45
CA LEU C 44 2.58 -26.32 7.97
C LEU C 44 2.29 -26.76 9.39
N GLY C 45 1.40 -26.02 10.07
CA GLY C 45 0.97 -26.37 11.40
C GLY C 45 2.04 -26.42 12.48
N ASP C 46 2.14 -27.57 13.13
CA ASP C 46 3.08 -27.74 14.22
C ASP C 46 4.50 -27.75 13.69
N THR C 47 4.68 -28.38 12.53
CA THR C 47 5.97 -28.39 11.85
C THR C 47 6.57 -26.97 11.72
N TRP C 48 5.76 -25.99 11.33
CA TRP C 48 6.26 -24.63 11.24
C TRP C 48 6.57 -24.08 12.61
N LEU C 49 5.75 -24.41 13.62
CA LEU C 49 5.95 -23.83 14.94
C LEU C 49 7.24 -24.31 15.59
N GLN C 50 7.65 -25.52 15.21
CA GLN C 50 8.87 -26.13 15.72
C GLN C 50 10.11 -25.44 15.16
N ILE C 51 10.06 -25.09 13.88
CA ILE C 51 11.16 -24.44 13.19
C ILE C 51 11.38 -23.02 13.74
N LYS C 52 10.30 -22.26 13.89
CA LYS C 52 10.37 -20.91 14.43
C LYS C 52 11.22 -20.86 15.70
N ALA C 53 11.04 -21.86 16.56
CA ALA C 53 11.78 -21.97 17.80
C ALA C 53 13.18 -22.56 17.57
N ALA C 54 13.99 -21.86 16.78
CA ALA C 54 15.43 -22.13 16.66
C ALA C 54 16.08 -21.04 15.80
#